data_1AQ0
#
_entry.id   1AQ0
#
_cell.length_a   49.580
_cell.length_b   82.990
_cell.length_c   77.560
_cell.angle_alpha   90.00
_cell.angle_beta   104.36
_cell.angle_gamma   90.00
#
_symmetry.space_group_name_H-M   'P 1 21 1'
#
loop_
_entity.id
_entity.type
_entity.pdbx_description
1 polymer 1,3-1,4-BETA-GLUCANASE
2 branched 2-acetamido-2-deoxy-beta-D-glucopyranose-(1-4)-2-acetamido-2-deoxy-beta-D-glucopyranose
3 non-polymer 'ACETATE ION'
4 water water
#
_entity_poly.entity_id   1
_entity_poly.type   'polypeptide(L)'
_entity_poly.pdbx_seq_one_letter_code
;IGVCYGMSANNLPAASTVVSMFKSNGIKSMRLYAPNQAALQAVGGTGINVVVGAPNDVLSNLAASPAAAASWVKSNIQAY
PKVSFRYVCVGNEVAGGATRNLVPAMKNVHGALVAAGLGHIKVTTSVSQAILGVFSPPSAGSFTGEAAAFMGPVVQFLAR
TNAPLMANIYPYLAWAYNPSAMDMGYALFNASGTVVRDGAYGYQNLFDTTVDAFYTAMGKHGGSSVKLVVSESGWPSGGG
TAATPANARFYNQHLINHVGRGTPRHPGAIETYIFAMFNENQKDSGVEQNWGLFYPNMQHVYPINF
;
_entity_poly.pdbx_strand_id   A,B
#
loop_
_chem_comp.id
_chem_comp.type
_chem_comp.name
_chem_comp.formula
ACT non-polymer 'ACETATE ION' 'C2 H3 O2 -1'
NAG D-saccharide, beta linking 2-acetamido-2-deoxy-beta-D-glucopyranose 'C8 H15 N O6'
#
# COMPACT_ATOMS: atom_id res chain seq x y z
N ILE A 1 11.85 4.01 13.20
CA ILE A 1 12.37 5.27 12.59
C ILE A 1 13.88 5.13 12.49
N GLY A 2 14.48 5.80 11.51
CA GLY A 2 15.92 5.77 11.35
C GLY A 2 16.48 7.14 11.61
N VAL A 3 17.80 7.25 11.72
CA VAL A 3 18.44 8.54 11.95
C VAL A 3 19.67 8.62 11.05
N CYS A 4 19.90 9.82 10.50
CA CYS A 4 21.04 10.08 9.64
C CYS A 4 22.24 10.39 10.51
N TYR A 5 23.34 9.66 10.28
CA TYR A 5 24.55 9.84 11.06
C TYR A 5 25.51 10.74 10.27
N GLY A 6 25.25 12.05 10.30
CA GLY A 6 26.09 13.01 9.61
C GLY A 6 27.41 13.18 10.36
N MET A 7 28.51 13.34 9.62
CA MET A 7 29.82 13.45 10.25
C MET A 7 30.62 14.72 9.90
N SER A 8 29.95 15.78 9.47
CA SER A 8 30.65 17.02 9.13
C SER A 8 30.87 17.84 10.38
N ALA A 9 31.74 17.34 11.25
CA ALA A 9 32.06 18.00 12.50
C ALA A 9 33.39 17.47 13.01
N ASN A 10 34.00 18.20 13.93
CA ASN A 10 35.30 17.80 14.47
C ASN A 10 35.26 17.46 15.95
N ASN A 11 34.06 17.36 16.52
CA ASN A 11 33.93 17.08 17.95
C ASN A 11 32.88 16.01 18.29
N LEU A 12 32.61 15.10 17.36
CA LEU A 12 31.61 14.07 17.62
C LEU A 12 32.20 12.90 18.40
N PRO A 13 31.34 12.12 19.09
CA PRO A 13 31.78 10.96 19.86
C PRO A 13 32.30 9.89 18.92
N ALA A 14 33.09 8.96 19.46
CA ALA A 14 33.63 7.87 18.65
C ALA A 14 32.45 7.06 18.10
N ALA A 15 32.65 6.42 16.96
CA ALA A 15 31.59 5.65 16.30
C ALA A 15 30.95 4.60 17.19
N SER A 16 31.74 3.92 18.02
CA SER A 16 31.22 2.87 18.90
C SER A 16 30.27 3.44 19.96
N THR A 17 30.52 4.67 20.37
CA THR A 17 29.68 5.34 21.35
C THR A 17 28.36 5.74 20.68
N VAL A 18 28.46 6.20 19.43
CA VAL A 18 27.28 6.60 18.68
C VAL A 18 26.37 5.40 18.49
N VAL A 19 26.95 4.25 18.14
CA VAL A 19 26.17 3.04 17.96
C VAL A 19 25.47 2.68 19.29
N SER A 20 26.15 2.91 20.41
CA SER A 20 25.55 2.64 21.71
C SER A 20 24.33 3.52 21.91
N MET A 21 24.42 4.77 21.49
CA MET A 21 23.31 5.71 21.61
C MET A 21 22.12 5.28 20.76
N PHE A 22 22.38 4.69 19.60
CA PHE A 22 21.31 4.20 18.73
C PHE A 22 20.56 3.10 19.48
N LYS A 23 21.30 2.15 20.05
CA LYS A 23 20.72 1.04 20.80
C LYS A 23 19.93 1.49 22.02
N SER A 24 20.54 2.30 22.88
CA SER A 24 19.86 2.75 24.08
C SER A 24 18.63 3.63 23.83
N ASN A 25 18.57 4.26 22.65
CA ASN A 25 17.43 5.12 22.33
C ASN A 25 16.36 4.43 21.49
N GLY A 26 16.60 3.21 21.06
CA GLY A 26 15.62 2.48 20.26
C GLY A 26 15.58 2.84 18.79
N ILE A 27 16.66 3.40 18.27
CA ILE A 27 16.72 3.75 16.86
C ILE A 27 17.09 2.48 16.07
N LYS A 28 16.18 2.05 15.20
CA LYS A 28 16.35 0.82 14.42
C LYS A 28 17.22 0.89 13.16
N SER A 29 17.29 2.07 12.54
CA SER A 29 18.06 2.21 11.30
C SER A 29 18.97 3.43 11.31
N MET A 30 20.04 3.33 10.53
CA MET A 30 21.07 4.38 10.43
C MET A 30 21.43 4.66 8.98
N ARG A 31 21.52 5.93 8.61
CA ARG A 31 21.93 6.30 7.26
C ARG A 31 23.32 6.92 7.29
N LEU A 32 24.24 6.32 6.53
CA LEU A 32 25.62 6.81 6.43
C LEU A 32 25.76 7.39 5.03
N TYR A 33 26.48 8.52 4.93
CA TYR A 33 26.67 9.18 3.64
C TYR A 33 27.91 8.69 2.89
N ALA A 34 28.70 7.87 3.56
CA ALA A 34 29.91 7.31 2.99
C ALA A 34 30.19 6.05 3.79
N PRO A 35 30.88 5.07 3.17
CA PRO A 35 31.17 3.83 3.90
C PRO A 35 32.29 4.03 4.92
N ASN A 36 31.98 4.80 5.97
CA ASN A 36 32.92 5.08 7.03
C ASN A 36 33.31 3.79 7.74
N GLN A 37 34.60 3.51 7.75
CA GLN A 37 35.15 2.30 8.34
C GLN A 37 34.92 2.14 9.84
N ALA A 38 35.10 3.20 10.60
CA ALA A 38 34.90 3.14 12.04
C ALA A 38 33.42 2.80 12.34
N ALA A 39 32.52 3.44 11.63
CA ALA A 39 31.10 3.22 11.81
C ALA A 39 30.68 1.82 11.39
N LEU A 40 31.14 1.36 10.22
CA LEU A 40 30.78 0.03 9.74
C LEU A 40 31.32 -1.07 10.65
N GLN A 41 32.48 -0.84 11.25
CA GLN A 41 33.08 -1.81 12.16
C GLN A 41 32.25 -1.87 13.45
N ALA A 42 31.83 -0.72 13.93
CA ALA A 42 31.03 -0.60 15.16
C ALA A 42 29.56 -1.04 15.08
N VAL A 43 28.96 -0.90 13.91
CA VAL A 43 27.54 -1.25 13.75
C VAL A 43 27.31 -2.75 13.48
N GLY A 44 28.37 -3.47 13.15
CA GLY A 44 28.23 -4.90 12.88
C GLY A 44 27.73 -5.70 14.07
N GLY A 45 26.83 -6.64 13.82
CA GLY A 45 26.30 -7.48 14.88
C GLY A 45 25.34 -6.83 15.86
N THR A 46 24.85 -5.63 15.55
CA THR A 46 23.93 -4.92 16.43
C THR A 46 22.47 -5.02 16.03
N GLY A 47 22.21 -5.44 14.80
CA GLY A 47 20.85 -5.53 14.34
C GLY A 47 20.33 -4.23 13.74
N ILE A 48 21.10 -3.15 13.87
CA ILE A 48 20.70 -1.86 13.33
C ILE A 48 20.80 -1.93 11.80
N ASN A 49 19.72 -1.57 11.12
CA ASN A 49 19.71 -1.59 9.66
C ASN A 49 20.55 -0.42 9.15
N VAL A 50 21.33 -0.66 8.11
CA VAL A 50 22.20 0.37 7.58
C VAL A 50 21.97 0.73 6.13
N VAL A 51 21.88 2.02 5.87
CA VAL A 51 21.77 2.54 4.51
C VAL A 51 23.16 3.15 4.30
N VAL A 52 23.93 2.61 3.36
CA VAL A 52 25.27 3.13 3.11
C VAL A 52 25.32 3.87 1.78
N GLY A 53 25.91 5.06 1.80
CA GLY A 53 25.97 5.82 0.57
C GLY A 53 27.30 5.76 -0.14
N ALA A 54 27.23 5.97 -1.45
CA ALA A 54 28.41 6.04 -2.30
C ALA A 54 28.42 7.54 -2.55
N PRO A 55 29.38 8.27 -1.97
CA PRO A 55 29.46 9.72 -2.14
C PRO A 55 29.53 10.20 -3.60
N ASN A 56 29.07 11.44 -3.82
CA ASN A 56 29.03 12.04 -5.15
C ASN A 56 30.37 12.07 -5.89
N ASP A 57 31.47 12.19 -5.15
CA ASP A 57 32.78 12.24 -5.79
C ASP A 57 33.26 10.92 -6.39
N VAL A 58 32.62 9.81 -6.04
CA VAL A 58 33.02 8.51 -6.59
C VAL A 58 32.09 8.04 -7.71
N LEU A 59 31.04 8.81 -7.98
CA LEU A 59 30.07 8.46 -9.01
C LEU A 59 30.63 8.20 -10.42
N SER A 60 31.42 9.12 -10.96
CA SER A 60 31.97 8.94 -12.32
C SER A 60 32.78 7.65 -12.48
N ASN A 61 33.49 7.25 -11.43
CA ASN A 61 34.28 6.03 -11.45
C ASN A 61 33.40 4.79 -11.47
N LEU A 62 32.36 4.80 -10.65
CA LEU A 62 31.44 3.67 -10.57
C LEU A 62 30.68 3.50 -11.88
N ALA A 63 30.35 4.62 -12.52
CA ALA A 63 29.61 4.61 -13.79
C ALA A 63 30.45 4.15 -14.96
N ALA A 64 31.72 4.54 -14.98
CA ALA A 64 32.61 4.20 -16.07
C ALA A 64 33.19 2.79 -16.01
N SER A 65 33.30 2.21 -14.83
CA SER A 65 33.90 0.90 -14.74
C SER A 65 33.23 -0.13 -13.84
N PRO A 66 32.76 -1.24 -14.43
CA PRO A 66 32.13 -2.31 -13.65
C PRO A 66 33.10 -2.86 -12.62
N ALA A 67 34.38 -2.90 -12.98
CA ALA A 67 35.42 -3.40 -12.08
C ALA A 67 35.56 -2.49 -10.87
N ALA A 68 35.44 -1.18 -11.06
CA ALA A 68 35.54 -0.23 -9.96
C ALA A 68 34.35 -0.44 -9.02
N ALA A 69 33.18 -0.71 -9.61
CA ALA A 69 31.97 -0.94 -8.84
C ALA A 69 32.10 -2.22 -8.03
N ALA A 70 32.66 -3.26 -8.65
CA ALA A 70 32.84 -4.54 -7.97
C ALA A 70 33.84 -4.38 -6.84
N SER A 71 34.83 -3.51 -7.06
CA SER A 71 35.85 -3.26 -6.05
C SER A 71 35.24 -2.47 -4.89
N TRP A 72 34.38 -1.51 -5.21
CA TRP A 72 33.71 -0.70 -4.19
C TRP A 72 32.87 -1.61 -3.29
N VAL A 73 32.11 -2.51 -3.92
CA VAL A 73 31.27 -3.45 -3.20
C VAL A 73 32.11 -4.39 -2.34
N LYS A 74 33.23 -4.87 -2.88
CA LYS A 74 34.09 -5.78 -2.14
C LYS A 74 34.71 -5.14 -0.89
N SER A 75 35.19 -3.90 -1.04
CA SER A 75 35.83 -3.19 0.06
C SER A 75 34.88 -2.55 1.07
N ASN A 76 33.68 -2.18 0.62
CA ASN A 76 32.77 -1.50 1.52
C ASN A 76 31.51 -2.24 1.95
N ILE A 77 31.19 -3.34 1.26
CA ILE A 77 30.00 -4.14 1.61
C ILE A 77 30.40 -5.55 2.05
N GLN A 78 31.06 -6.29 1.17
CA GLN A 78 31.47 -7.66 1.48
C GLN A 78 32.43 -7.73 2.65
N ALA A 79 33.18 -6.66 2.88
CA ALA A 79 34.14 -6.61 3.97
C ALA A 79 33.49 -6.54 5.35
N TYR A 80 32.17 -6.35 5.40
CA TYR A 80 31.46 -6.26 6.67
C TYR A 80 30.26 -7.20 6.70
N PRO A 81 30.52 -8.52 6.81
CA PRO A 81 29.45 -9.53 6.85
C PRO A 81 28.49 -9.46 8.04
N LYS A 82 28.90 -8.80 9.12
CA LYS A 82 28.05 -8.68 10.31
C LYS A 82 27.12 -7.47 10.26
N VAL A 83 27.23 -6.65 9.22
CA VAL A 83 26.38 -5.47 9.11
C VAL A 83 25.08 -5.78 8.37
N SER A 84 23.97 -5.31 8.93
CA SER A 84 22.66 -5.51 8.32
C SER A 84 22.39 -4.43 7.27
N PHE A 85 23.01 -4.56 6.11
CA PHE A 85 22.83 -3.60 5.03
C PHE A 85 21.42 -3.70 4.48
N ARG A 86 20.80 -2.56 4.25
CA ARG A 86 19.44 -2.51 3.72
C ARG A 86 19.48 -1.94 2.30
N TYR A 87 20.07 -0.76 2.15
CA TYR A 87 20.19 -0.13 0.83
C TYR A 87 21.58 0.46 0.62
N VAL A 88 21.94 0.60 -0.66
CA VAL A 88 23.18 1.25 -1.04
C VAL A 88 22.63 2.49 -1.78
N CYS A 89 22.84 3.66 -1.21
CA CYS A 89 22.35 4.89 -1.81
C CYS A 89 23.47 5.52 -2.64
N VAL A 90 23.34 5.43 -3.96
CA VAL A 90 24.32 5.97 -4.89
C VAL A 90 24.05 7.45 -5.18
N GLY A 91 24.86 8.31 -4.56
CA GLY A 91 24.71 9.73 -4.72
C GLY A 91 23.67 10.34 -3.81
N ASN A 92 23.85 11.62 -3.51
CA ASN A 92 22.91 12.35 -2.67
C ASN A 92 22.73 13.71 -3.33
N GLU A 93 21.53 13.96 -3.83
CA GLU A 93 21.18 15.21 -4.48
C GLU A 93 22.13 15.57 -5.61
N VAL A 94 22.43 14.57 -6.44
CA VAL A 94 23.31 14.75 -7.58
C VAL A 94 22.67 15.78 -8.50
N ALA A 95 23.47 16.73 -8.98
CA ALA A 95 22.97 17.79 -9.85
C ALA A 95 23.90 18.08 -11.03
N GLY A 96 23.38 18.83 -12.01
CA GLY A 96 24.16 19.20 -13.17
C GLY A 96 24.49 18.04 -14.10
N GLY A 97 25.67 18.12 -14.72
CA GLY A 97 26.10 17.07 -15.64
C GLY A 97 26.38 15.74 -14.98
N ALA A 98 26.62 15.76 -13.68
CA ALA A 98 26.90 14.54 -12.93
C ALA A 98 25.72 13.57 -12.97
N THR A 99 24.51 14.08 -13.20
CA THR A 99 23.31 13.25 -13.24
C THR A 99 23.33 12.19 -14.36
N ARG A 100 24.19 12.39 -15.36
CA ARG A 100 24.31 11.44 -16.47
C ARG A 100 24.98 10.13 -16.00
N ASN A 101 25.73 10.20 -14.92
CA ASN A 101 26.44 9.04 -14.38
C ASN A 101 25.61 8.24 -13.38
N LEU A 102 24.46 8.80 -12.99
CA LEU A 102 23.57 8.17 -12.02
C LEU A 102 23.12 6.75 -12.35
N VAL A 103 22.38 6.57 -13.43
CA VAL A 103 21.91 5.23 -13.80
C VAL A 103 23.07 4.26 -14.06
N PRO A 104 24.10 4.67 -14.83
CA PRO A 104 25.21 3.76 -15.09
C PRO A 104 25.86 3.27 -13.78
N ALA A 105 26.07 4.19 -12.84
CA ALA A 105 26.66 3.85 -11.55
C ALA A 105 25.77 2.89 -10.77
N MET A 106 24.46 3.15 -10.76
CA MET A 106 23.53 2.29 -10.03
C MET A 106 23.50 0.89 -10.65
N LYS A 107 23.51 0.82 -11.98
CA LYS A 107 23.50 -0.47 -12.68
C LYS A 107 24.73 -1.27 -12.32
N ASN A 108 25.90 -0.62 -12.36
CA ASN A 108 27.15 -1.29 -12.04
C ASN A 108 27.22 -1.78 -10.60
N VAL A 109 26.73 -0.96 -9.65
CA VAL A 109 26.74 -1.36 -8.24
C VAL A 109 25.76 -2.52 -8.08
N HIS A 110 24.62 -2.41 -8.74
CA HIS A 110 23.60 -3.46 -8.67
C HIS A 110 24.17 -4.79 -9.18
N GLY A 111 24.82 -4.74 -10.33
CA GLY A 111 25.40 -5.95 -10.91
C GLY A 111 26.41 -6.59 -9.99
N ALA A 112 27.24 -5.77 -9.35
CA ALA A 112 28.25 -6.26 -8.43
C ALA A 112 27.63 -6.92 -7.21
N LEU A 113 26.55 -6.34 -6.69
CA LEU A 113 25.86 -6.89 -5.52
C LEU A 113 25.29 -8.28 -5.82
N VAL A 114 24.65 -8.43 -6.98
CA VAL A 114 24.08 -9.70 -7.39
C VAL A 114 25.14 -10.80 -7.49
N ALA A 115 26.21 -10.52 -8.22
CA ALA A 115 27.31 -11.47 -8.41
C ALA A 115 27.94 -11.96 -7.10
N ALA A 116 27.89 -11.11 -6.08
CA ALA A 116 28.46 -11.43 -4.77
C ALA A 116 27.50 -12.20 -3.87
N GLY A 117 26.27 -12.38 -4.32
CA GLY A 117 25.27 -13.09 -3.52
C GLY A 117 24.58 -12.16 -2.53
N LEU A 118 24.62 -10.87 -2.82
CA LEU A 118 24.02 -9.85 -1.96
C LEU A 118 22.89 -9.10 -2.67
N GLY A 119 22.22 -9.79 -3.60
CA GLY A 119 21.14 -9.18 -4.35
C GLY A 119 19.95 -8.68 -3.55
N HIS A 120 19.92 -8.98 -2.25
CA HIS A 120 18.84 -8.53 -1.38
C HIS A 120 19.02 -7.06 -0.97
N ILE A 121 20.24 -6.54 -1.13
CA ILE A 121 20.54 -5.14 -0.79
C ILE A 121 20.17 -4.31 -2.02
N LYS A 122 19.15 -3.46 -1.88
CA LYS A 122 18.68 -2.65 -3.00
C LYS A 122 19.52 -1.41 -3.25
N VAL A 123 19.67 -1.06 -4.53
CA VAL A 123 20.43 0.12 -4.93
C VAL A 123 19.45 1.22 -5.30
N THR A 124 19.65 2.40 -4.74
CA THR A 124 18.77 3.53 -5.00
C THR A 124 19.61 4.82 -5.02
N THR A 125 18.94 5.98 -5.05
CA THR A 125 19.60 7.29 -5.04
C THR A 125 18.70 8.21 -4.22
N SER A 126 19.27 9.28 -3.68
CA SER A 126 18.53 10.22 -2.86
C SER A 126 18.38 11.56 -3.57
N VAL A 127 17.15 12.04 -3.69
CA VAL A 127 16.90 13.31 -4.37
C VAL A 127 16.29 14.36 -3.45
N SER A 128 16.52 15.62 -3.79
CA SER A 128 16.00 16.73 -3.02
C SER A 128 14.55 17.01 -3.43
N GLN A 129 13.78 17.59 -2.51
CA GLN A 129 12.39 17.95 -2.81
C GLN A 129 12.37 19.05 -3.87
N ALA A 130 13.51 19.69 -4.07
CA ALA A 130 13.65 20.77 -5.07
C ALA A 130 13.46 20.31 -6.51
N ILE A 131 13.49 19.01 -6.77
CA ILE A 131 13.30 18.54 -8.13
C ILE A 131 11.82 18.52 -8.53
N LEU A 132 10.94 18.81 -7.57
CA LEU A 132 9.51 18.86 -7.83
C LEU A 132 9.16 20.23 -8.38
N GLY A 133 8.60 20.27 -9.58
CA GLY A 133 8.19 21.54 -10.18
C GLY A 133 6.88 21.97 -9.55
N VAL A 134 6.04 21.00 -9.22
CA VAL A 134 4.75 21.28 -8.60
C VAL A 134 4.58 20.28 -7.46
N PHE A 135 4.21 20.77 -6.29
CA PHE A 135 3.99 19.88 -5.15
C PHE A 135 2.57 20.03 -4.63
N SER A 136 1.91 21.12 -5.02
CA SER A 136 0.56 21.39 -4.56
C SER A 136 -0.31 21.88 -5.72
N PRO A 137 -1.47 21.24 -5.93
CA PRO A 137 -1.97 20.10 -5.14
C PRO A 137 -1.21 18.82 -5.55
N PRO A 138 -1.16 17.82 -4.65
CA PRO A 138 -0.45 16.55 -4.91
C PRO A 138 -0.80 15.87 -6.23
N SER A 139 -2.05 16.01 -6.67
CA SER A 139 -2.46 15.38 -7.93
C SER A 139 -1.78 16.02 -9.13
N ALA A 140 -1.24 17.22 -8.95
CA ALA A 140 -0.55 17.93 -10.01
C ALA A 140 0.98 17.81 -9.90
N GLY A 141 1.44 17.00 -8.94
CA GLY A 141 2.86 16.83 -8.73
C GLY A 141 3.65 16.44 -9.97
N SER A 142 4.80 17.08 -10.17
CA SER A 142 5.64 16.76 -11.31
C SER A 142 7.05 17.29 -11.10
N PHE A 143 8.01 16.67 -11.77
CA PHE A 143 9.41 17.10 -11.68
C PHE A 143 9.61 18.32 -12.57
N THR A 144 10.71 19.03 -12.32
CA THR A 144 11.06 20.20 -13.12
C THR A 144 11.47 19.65 -14.49
N GLY A 145 11.51 20.53 -15.49
CA GLY A 145 11.90 20.09 -16.83
C GLY A 145 13.27 19.45 -16.84
N GLU A 146 14.21 20.08 -16.13
CA GLU A 146 15.58 19.58 -16.03
C GLU A 146 15.63 18.23 -15.32
N ALA A 147 14.97 18.14 -14.17
CA ALA A 147 14.94 16.92 -13.40
C ALA A 147 14.29 15.77 -14.16
N ALA A 148 13.20 16.05 -14.86
CA ALA A 148 12.48 15.04 -15.63
C ALA A 148 13.39 14.28 -16.60
N ALA A 149 14.35 15.00 -17.18
CA ALA A 149 15.33 14.44 -18.12
C ALA A 149 16.10 13.24 -17.57
N PHE A 150 16.57 13.33 -16.32
CA PHE A 150 17.31 12.22 -15.73
C PHE A 150 16.45 11.35 -14.84
N MET A 151 15.37 11.92 -14.31
CA MET A 151 14.48 11.16 -13.42
C MET A 151 13.72 10.05 -14.14
N GLY A 152 13.43 10.24 -15.43
CA GLY A 152 12.73 9.22 -16.20
C GLY A 152 13.49 7.91 -16.11
N PRO A 153 14.75 7.87 -16.58
CA PRO A 153 15.60 6.68 -16.56
C PRO A 153 15.84 6.15 -15.13
N VAL A 154 15.97 7.04 -14.16
CA VAL A 154 16.19 6.63 -12.76
C VAL A 154 14.98 5.86 -12.24
N VAL A 155 13.79 6.45 -12.36
CA VAL A 155 12.55 5.82 -11.92
C VAL A 155 12.33 4.48 -12.64
N GLN A 156 12.64 4.45 -13.93
CA GLN A 156 12.49 3.23 -14.74
C GLN A 156 13.43 2.14 -14.26
N PHE A 157 14.65 2.51 -13.86
CA PHE A 157 15.61 1.54 -13.36
C PHE A 157 15.11 0.97 -12.04
N LEU A 158 14.60 1.86 -11.19
CA LEU A 158 14.08 1.48 -9.88
C LEU A 158 12.88 0.55 -10.01
N ALA A 159 12.00 0.86 -10.95
CA ALA A 159 10.80 0.04 -11.18
C ALA A 159 11.21 -1.37 -11.56
N ARG A 160 12.18 -1.48 -12.47
CA ARG A 160 12.65 -2.78 -12.93
C ARG A 160 13.38 -3.60 -11.86
N THR A 161 14.04 -2.94 -10.92
CA THR A 161 14.79 -3.64 -9.88
C THR A 161 14.05 -3.75 -8.55
N ASN A 162 12.82 -3.26 -8.50
CA ASN A 162 12.01 -3.32 -7.28
C ASN A 162 12.71 -2.59 -6.13
N ALA A 163 13.28 -1.44 -6.44
CA ALA A 163 13.99 -0.63 -5.46
C ALA A 163 13.21 0.66 -5.26
N PRO A 164 13.24 1.22 -4.04
CA PRO A 164 12.52 2.46 -3.79
C PRO A 164 13.34 3.68 -4.17
N LEU A 165 12.69 4.84 -4.19
CA LEU A 165 13.38 6.08 -4.48
C LEU A 165 13.51 6.75 -3.11
N MET A 166 14.65 7.36 -2.82
CA MET A 166 14.83 8.06 -1.56
C MET A 166 14.69 9.56 -1.80
N ALA A 167 13.95 10.23 -0.92
CA ALA A 167 13.74 11.67 -1.04
C ALA A 167 13.98 12.38 0.28
N ASN A 168 14.67 13.50 0.21
CA ASN A 168 14.98 14.34 1.38
C ASN A 168 13.86 15.37 1.36
N ILE A 169 12.96 15.26 2.34
CA ILE A 169 11.80 16.12 2.43
C ILE A 169 11.81 17.00 3.68
N TYR A 170 11.84 18.32 3.48
CA TYR A 170 11.88 19.26 4.59
C TYR A 170 10.81 20.33 4.56
N PRO A 171 9.66 20.08 5.19
CA PRO A 171 8.59 21.09 5.21
C PRO A 171 9.13 22.43 5.72
N TYR A 172 10.10 22.40 6.63
CA TYR A 172 10.69 23.63 7.17
C TYR A 172 11.29 24.50 6.07
N LEU A 173 12.09 23.88 5.20
CA LEU A 173 12.75 24.60 4.12
C LEU A 173 11.77 25.15 3.09
N ALA A 174 10.71 24.40 2.81
CA ALA A 174 9.72 24.85 1.85
C ALA A 174 8.99 26.08 2.41
N TRP A 175 8.71 26.03 3.71
CA TRP A 175 8.04 27.14 4.39
C TRP A 175 8.96 28.36 4.54
N ALA A 176 10.17 28.12 5.04
CA ALA A 176 11.15 29.19 5.26
C ALA A 176 11.47 29.98 4.00
N TYR A 177 11.27 29.36 2.85
CA TYR A 177 11.54 29.99 1.57
C TYR A 177 10.62 31.20 1.38
N ASN A 178 9.37 31.05 1.77
CA ASN A 178 8.39 32.12 1.64
C ASN A 178 7.30 31.90 2.71
N PRO A 179 7.50 32.47 3.92
CA PRO A 179 6.59 32.37 5.06
C PRO A 179 5.17 32.90 4.84
N SER A 180 5.01 33.84 3.91
CA SER A 180 3.69 34.40 3.64
C SER A 180 2.89 33.44 2.78
N ALA A 181 3.60 32.61 2.01
CA ALA A 181 2.98 31.65 1.11
C ALA A 181 2.20 30.55 1.83
N MET A 182 2.54 30.28 3.09
CA MET A 182 1.83 29.25 3.85
C MET A 182 1.98 29.37 5.34
N ASP A 183 0.96 28.87 6.04
CA ASP A 183 0.94 28.89 7.49
C ASP A 183 2.00 27.94 8.02
N MET A 184 2.75 28.39 9.03
CA MET A 184 3.80 27.57 9.61
C MET A 184 3.25 26.31 10.26
N GLY A 185 2.03 26.39 10.78
CA GLY A 185 1.40 25.25 11.41
C GLY A 185 1.24 24.09 10.43
N TYR A 186 0.99 24.43 9.17
CA TYR A 186 0.83 23.45 8.10
C TYR A 186 2.13 22.65 7.91
N ALA A 187 3.26 23.33 8.05
CA ALA A 187 4.55 22.68 7.90
C ALA A 187 5.00 21.94 9.16
N LEU A 188 4.57 22.44 10.31
CA LEU A 188 4.97 21.89 11.61
C LEU A 188 4.15 20.71 12.16
N PHE A 189 3.08 20.34 11.47
CA PHE A 189 2.16 19.27 11.89
C PHE A 189 1.19 19.81 12.95
N ASN A 190 0.96 21.12 12.95
CA ASN A 190 0.08 21.73 13.93
C ASN A 190 -1.15 22.42 13.33
N ALA A 191 -1.55 22.01 12.13
CA ALA A 191 -2.74 22.60 11.53
C ALA A 191 -3.97 21.87 12.10
N SER A 192 -5.05 22.60 12.35
CA SER A 192 -6.26 22.00 12.92
C SER A 192 -6.99 21.05 11.97
N GLY A 193 -7.28 21.51 10.75
CA GLY A 193 -7.98 20.68 9.79
C GLY A 193 -7.35 20.67 8.42
N THR A 194 -8.17 20.37 7.41
CA THR A 194 -7.74 20.32 6.02
C THR A 194 -7.24 21.67 5.53
N VAL A 195 -6.00 21.69 5.06
CA VAL A 195 -5.41 22.91 4.54
C VAL A 195 -5.53 22.88 3.02
N VAL A 196 -5.27 21.73 2.42
CA VAL A 196 -5.34 21.59 0.98
C VAL A 196 -6.34 20.49 0.62
N ARG A 197 -7.36 20.89 -0.15
CA ARG A 197 -8.39 19.97 -0.62
C ARG A 197 -8.02 19.65 -2.07
N ASP A 198 -7.76 18.38 -2.34
CA ASP A 198 -7.36 17.92 -3.66
C ASP A 198 -8.39 16.91 -4.15
N GLY A 199 -9.42 17.41 -4.84
CA GLY A 199 -10.48 16.54 -5.29
C GLY A 199 -11.23 16.12 -4.04
N ALA A 200 -11.21 14.84 -3.73
CA ALA A 200 -11.87 14.31 -2.54
C ALA A 200 -10.90 14.13 -1.37
N TYR A 201 -9.61 14.34 -1.63
CA TYR A 201 -8.58 14.14 -0.61
C TYR A 201 -8.22 15.39 0.18
N GLY A 202 -8.00 15.20 1.48
CA GLY A 202 -7.65 16.33 2.35
C GLY A 202 -6.27 16.22 2.96
N TYR A 203 -5.47 17.29 2.83
CA TYR A 203 -4.13 17.30 3.39
C TYR A 203 -4.04 18.33 4.50
N GLN A 204 -3.55 17.92 5.66
CA GLN A 204 -3.42 18.86 6.77
C GLN A 204 -1.99 19.22 7.17
N ASN A 205 -1.01 18.67 6.45
CA ASN A 205 0.39 18.97 6.73
C ASN A 205 1.19 18.86 5.42
N LEU A 206 2.25 19.66 5.32
CA LEU A 206 3.09 19.72 4.13
C LEU A 206 3.85 18.45 3.84
N PHE A 207 4.17 17.69 4.89
CA PHE A 207 4.88 16.42 4.72
C PHE A 207 4.08 15.47 3.81
N ASP A 208 2.80 15.27 4.14
CA ASP A 208 1.92 14.40 3.37
C ASP A 208 1.77 14.89 1.93
N THR A 209 1.59 16.20 1.78
CA THR A 209 1.43 16.82 0.47
C THR A 209 2.65 16.55 -0.42
N THR A 210 3.85 16.74 0.15
CA THR A 210 5.09 16.54 -0.59
C THR A 210 5.30 15.08 -0.97
N VAL A 211 5.03 14.18 -0.04
CA VAL A 211 5.17 12.74 -0.29
C VAL A 211 4.24 12.31 -1.42
N ASP A 212 2.99 12.74 -1.35
CA ASP A 212 2.03 12.37 -2.38
C ASP A 212 2.34 13.02 -3.72
N ALA A 213 2.93 14.21 -3.69
CA ALA A 213 3.32 14.90 -4.91
C ALA A 213 4.44 14.11 -5.59
N PHE A 214 5.36 13.57 -4.79
CA PHE A 214 6.44 12.75 -5.33
C PHE A 214 5.87 11.50 -5.99
N TYR A 215 4.91 10.86 -5.34
CA TYR A 215 4.28 9.67 -5.88
C TYR A 215 3.62 9.94 -7.23
N THR A 216 2.97 11.10 -7.35
CA THR A 216 2.32 11.47 -8.60
C THR A 216 3.36 11.66 -9.70
N ALA A 217 4.44 12.37 -9.36
CA ALA A 217 5.51 12.64 -10.31
C ALA A 217 6.15 11.35 -10.82
N MET A 218 6.37 10.39 -9.91
CA MET A 218 6.95 9.11 -10.27
C MET A 218 6.02 8.31 -11.18
N GLY A 219 4.73 8.35 -10.88
CA GLY A 219 3.75 7.62 -11.69
C GLY A 219 3.74 8.09 -13.13
N LYS A 220 3.97 9.39 -13.33
CA LYS A 220 4.02 10.00 -14.65
C LYS A 220 5.26 9.60 -15.45
N HIS A 221 6.18 8.88 -14.80
CA HIS A 221 7.41 8.45 -15.46
C HIS A 221 7.60 6.94 -15.47
N GLY A 222 6.50 6.21 -15.27
CA GLY A 222 6.55 4.76 -15.27
C GLY A 222 6.96 4.15 -13.95
N GLY A 223 6.73 4.87 -12.85
CA GLY A 223 7.10 4.35 -11.55
C GLY A 223 5.99 4.22 -10.55
N SER A 224 4.80 3.83 -11.00
CA SER A 224 3.66 3.67 -10.10
C SER A 224 3.86 2.57 -9.07
N SER A 225 4.79 1.65 -9.31
CA SER A 225 5.03 0.57 -8.37
C SER A 225 6.24 0.85 -7.46
N VAL A 226 6.84 2.01 -7.63
CA VAL A 226 8.00 2.37 -6.84
C VAL A 226 7.60 3.01 -5.51
N LYS A 227 8.14 2.48 -4.42
CA LYS A 227 7.88 3.01 -3.08
C LYS A 227 8.83 4.17 -2.81
N LEU A 228 8.40 5.07 -1.93
CA LEU A 228 9.21 6.22 -1.55
C LEU A 228 9.70 6.03 -0.12
N VAL A 229 10.98 6.35 0.09
CA VAL A 229 11.59 6.28 1.42
C VAL A 229 12.02 7.74 1.69
N VAL A 230 11.68 8.25 2.86
CA VAL A 230 12.08 9.62 3.22
C VAL A 230 13.45 9.47 3.86
N SER A 231 14.49 9.76 3.09
CA SER A 231 15.86 9.61 3.55
C SER A 231 16.38 10.72 4.47
N GLU A 232 15.64 11.81 4.56
CA GLU A 232 15.99 12.94 5.43
C GLU A 232 14.76 13.76 5.71
N SER A 233 14.66 14.25 6.93
CA SER A 233 13.59 15.14 7.35
C SER A 233 13.93 15.60 8.75
N GLY A 234 13.63 16.85 9.05
CA GLY A 234 13.94 17.37 10.37
C GLY A 234 13.54 18.83 10.44
N TRP A 235 13.85 19.46 11.56
CA TRP A 235 13.55 20.87 11.79
C TRP A 235 14.71 21.39 12.65
N PRO A 236 15.34 22.50 12.25
CA PRO A 236 16.47 23.05 13.01
C PRO A 236 16.08 23.66 14.37
N SER A 237 16.97 23.54 15.34
CA SER A 237 16.72 24.05 16.67
C SER A 237 17.28 25.46 16.92
N GLY A 238 17.92 26.03 15.91
CA GLY A 238 18.47 27.36 16.07
C GLY A 238 19.10 27.86 14.78
N GLY A 239 19.48 29.14 14.77
CA GLY A 239 20.14 29.71 13.60
C GLY A 239 19.24 30.36 12.55
N GLY A 240 17.93 30.37 12.77
CA GLY A 240 17.04 30.97 11.79
C GLY A 240 15.63 31.19 12.30
N THR A 241 14.77 31.75 11.45
CA THR A 241 13.39 32.01 11.84
C THR A 241 12.68 30.71 12.21
N ALA A 242 11.96 30.74 13.32
CA ALA A 242 11.21 29.58 13.80
C ALA A 242 12.04 28.35 14.14
N ALA A 243 13.36 28.49 14.10
CA ALA A 243 14.25 27.38 14.45
C ALA A 243 14.53 27.49 15.95
N THR A 244 13.81 26.71 16.75
CA THR A 244 13.97 26.71 18.21
C THR A 244 13.86 25.27 18.69
N PRO A 245 14.37 24.97 19.92
CA PRO A 245 14.28 23.60 20.43
C PRO A 245 12.83 23.12 20.53
N ALA A 246 11.92 24.03 20.87
CA ALA A 246 10.50 23.69 21.01
C ALA A 246 9.87 23.31 19.68
N ASN A 247 10.19 24.05 18.62
CA ASN A 247 9.64 23.76 17.30
C ASN A 247 10.26 22.51 16.71
N ALA A 248 11.56 22.32 16.93
CA ALA A 248 12.26 21.14 16.41
C ALA A 248 11.70 19.89 17.05
N ARG A 249 11.49 19.94 18.36
CA ARG A 249 10.95 18.80 19.09
C ARG A 249 9.54 18.50 18.60
N PHE A 250 8.73 19.55 18.44
CA PHE A 250 7.36 19.39 17.99
C PHE A 250 7.30 18.68 16.66
N TYR A 251 8.07 19.17 15.70
CA TYR A 251 8.10 18.60 14.37
C TYR A 251 8.59 17.15 14.40
N ASN A 252 9.76 16.92 14.97
CA ASN A 252 10.32 15.58 15.00
C ASN A 252 9.51 14.56 15.78
N GLN A 253 8.93 14.96 16.90
CA GLN A 253 8.13 14.02 17.68
C GLN A 253 6.83 13.71 16.93
N HIS A 254 6.26 14.71 16.26
CA HIS A 254 5.05 14.47 15.49
C HIS A 254 5.33 13.59 14.27
N LEU A 255 6.50 13.78 13.66
CA LEU A 255 6.90 12.97 12.50
C LEU A 255 6.97 11.50 12.92
N ILE A 256 7.67 11.25 14.02
CA ILE A 256 7.83 9.91 14.56
C ILE A 256 6.47 9.25 14.81
N ASN A 257 5.53 10.01 15.38
CA ASN A 257 4.18 9.50 15.68
C ASN A 257 3.28 9.40 14.44
N HIS A 258 3.68 10.09 13.38
CA HIS A 258 2.89 10.14 12.14
C HIS A 258 3.18 9.13 11.04
N VAL A 259 4.46 8.93 10.74
CA VAL A 259 4.88 8.05 9.64
C VAL A 259 4.34 6.63 9.55
N GLY A 260 3.91 6.06 10.67
CA GLY A 260 3.37 4.71 10.65
C GLY A 260 2.04 4.57 9.93
N ARG A 261 1.29 5.65 9.83
CA ARG A 261 -0.02 5.64 9.19
C ARG A 261 -0.01 6.09 7.74
N GLY A 262 1.06 6.76 7.34
CA GLY A 262 1.15 7.20 5.95
C GLY A 262 0.42 8.46 5.58
N THR A 263 0.13 8.59 4.29
CA THR A 263 -0.52 9.76 3.73
C THR A 263 -1.92 9.45 3.21
N PRO A 264 -2.69 10.50 2.85
CA PRO A 264 -4.05 10.32 2.32
C PRO A 264 -4.16 9.33 1.14
N ARG A 265 -3.25 9.44 0.17
CA ARG A 265 -3.28 8.55 -1.00
C ARG A 265 -2.40 7.31 -0.85
N HIS A 266 -1.54 7.29 0.16
CA HIS A 266 -0.68 6.14 0.38
C HIS A 266 -0.66 5.74 1.84
N PRO A 267 -1.76 5.14 2.33
CA PRO A 267 -1.84 4.72 3.72
C PRO A 267 -0.82 3.62 4.01
N GLY A 268 -0.35 3.54 5.24
CA GLY A 268 0.64 2.54 5.59
C GLY A 268 1.94 3.21 5.97
N ALA A 269 2.80 2.49 6.68
CA ALA A 269 4.08 3.02 7.14
C ALA A 269 5.02 3.51 6.04
N ILE A 270 5.64 4.66 6.29
CA ILE A 270 6.61 5.24 5.36
C ILE A 270 7.95 5.14 6.06
N GLU A 271 8.91 4.49 5.43
CA GLU A 271 10.24 4.36 6.02
C GLU A 271 10.84 5.75 6.06
N THR A 272 11.25 6.21 7.25
CA THR A 272 11.76 7.56 7.43
C THR A 272 13.06 7.66 8.24
N TYR A 273 13.91 8.58 7.84
CA TYR A 273 15.19 8.84 8.50
C TYR A 273 15.24 10.30 8.91
N ILE A 274 15.47 10.54 10.19
CA ILE A 274 15.55 11.89 10.71
C ILE A 274 16.95 12.46 10.53
N PHE A 275 17.02 13.68 10.03
CA PHE A 275 18.30 14.35 9.87
C PHE A 275 18.34 15.40 10.99
N ALA A 276 19.26 15.28 11.95
CA ALA A 276 20.34 14.28 12.00
C ALA A 276 20.66 13.95 13.45
N MET A 277 21.56 12.99 13.66
CA MET A 277 21.94 12.57 15.00
C MET A 277 22.54 13.69 15.85
N PHE A 278 23.53 14.39 15.29
CA PHE A 278 24.22 15.46 16.01
C PHE A 278 24.23 16.77 15.26
N ASN A 279 24.46 17.85 16.00
CA ASN A 279 24.62 19.17 15.43
C ASN A 279 26.02 19.03 14.78
N GLU A 280 26.19 19.57 13.59
CA GLU A 280 27.47 19.44 12.90
C GLU A 280 28.12 20.80 12.73
N ASN A 281 29.20 21.03 13.47
CA ASN A 281 29.90 22.31 13.43
C ASN A 281 30.69 22.69 12.18
N GLN A 282 30.85 21.75 11.25
CA GLN A 282 31.58 22.05 10.03
C GLN A 282 30.66 22.29 8.85
N LYS A 283 29.41 22.59 9.14
CA LYS A 283 28.43 22.89 8.10
C LYS A 283 28.32 24.41 8.06
N ASP A 284 27.53 24.95 7.14
CA ASP A 284 27.36 26.40 7.04
C ASP A 284 26.75 26.98 8.31
N SER A 285 27.14 28.21 8.64
CA SER A 285 26.61 28.89 9.82
C SER A 285 25.12 29.16 9.64
N GLY A 286 24.35 28.98 10.71
CA GLY A 286 22.92 29.19 10.63
C GLY A 286 22.20 27.88 10.95
N VAL A 287 21.08 27.62 10.29
CA VAL A 287 20.31 26.41 10.55
C VAL A 287 21.08 25.11 10.32
N GLU A 288 21.99 25.12 9.34
CA GLU A 288 22.79 23.95 8.99
C GLU A 288 23.60 23.34 10.12
N GLN A 289 23.93 24.15 11.13
CA GLN A 289 24.67 23.65 12.27
C GLN A 289 23.76 23.25 13.42
N ASN A 290 22.45 23.29 13.19
CA ASN A 290 21.50 22.98 14.25
C ASN A 290 20.42 21.96 13.90
N TRP A 291 20.79 20.90 13.18
CA TRP A 291 19.83 19.86 12.81
C TRP A 291 19.83 18.67 13.75
N GLY A 292 20.74 18.67 14.71
CA GLY A 292 20.86 17.53 15.60
C GLY A 292 19.83 17.23 16.68
N LEU A 293 19.69 15.94 16.98
CA LEU A 293 18.79 15.47 18.03
C LEU A 293 19.61 15.55 19.32
N PHE A 294 20.95 15.42 19.18
CA PHE A 294 21.88 15.47 20.30
C PHE A 294 23.00 16.48 20.11
N TYR A 295 23.50 17.00 21.22
CA TYR A 295 24.63 17.91 21.21
C TYR A 295 25.83 16.97 21.09
N PRO A 296 27.01 17.51 20.69
CA PRO A 296 28.20 16.68 20.57
C PRO A 296 28.60 15.97 21.88
N ASN A 297 28.25 16.59 23.01
CA ASN A 297 28.58 15.99 24.31
C ASN A 297 27.62 14.86 24.70
N MET A 298 26.72 14.51 23.78
CA MET A 298 25.74 13.44 23.96
C MET A 298 24.45 13.77 24.73
N GLN A 299 24.23 15.03 25.06
CA GLN A 299 23.01 15.45 25.73
C GLN A 299 21.97 15.68 24.66
N HIS A 300 20.70 15.37 24.96
CA HIS A 300 19.60 15.60 24.04
C HIS A 300 19.44 17.11 23.87
N VAL A 301 19.15 17.56 22.65
CA VAL A 301 18.93 18.99 22.44
C VAL A 301 17.50 19.28 22.96
N TYR A 302 16.64 18.26 22.86
CA TYR A 302 15.26 18.31 23.32
C TYR A 302 14.81 16.86 23.55
N PRO A 303 13.86 16.63 24.48
CA PRO A 303 13.38 15.28 24.76
C PRO A 303 12.69 14.67 23.55
N ILE A 304 13.03 13.42 23.26
CA ILE A 304 12.45 12.71 22.14
C ILE A 304 12.30 11.23 22.52
N ASN A 305 11.18 10.64 22.11
CA ASN A 305 10.91 9.22 22.39
C ASN A 305 10.73 8.59 21.01
N PHE A 306 11.58 7.62 20.69
CA PHE A 306 11.55 6.94 19.40
C PHE A 306 10.63 5.71 19.34
N ILE B 1 -28.17 -8.49 -8.43
CA ILE B 1 -27.18 -8.31 -7.33
C ILE B 1 -27.14 -9.62 -6.53
N GLY B 2 -25.99 -9.88 -5.92
CA GLY B 2 -25.85 -11.08 -5.09
C GLY B 2 -25.67 -10.67 -3.64
N VAL B 3 -25.75 -11.62 -2.73
CA VAL B 3 -25.58 -11.35 -1.31
C VAL B 3 -24.73 -12.45 -0.68
N CYS B 4 -23.81 -12.04 0.19
CA CYS B 4 -22.94 -12.97 0.89
C CYS B 4 -23.69 -13.56 2.09
N TYR B 5 -23.73 -14.88 2.15
CA TYR B 5 -24.41 -15.60 3.21
C TYR B 5 -23.37 -15.99 4.27
N GLY B 6 -23.01 -15.03 5.13
CA GLY B 6 -22.04 -15.28 6.18
C GLY B 6 -22.70 -16.06 7.31
N MET B 7 -21.96 -16.97 7.92
CA MET B 7 -22.54 -17.80 8.97
C MET B 7 -21.81 -17.77 10.33
N SER B 8 -21.05 -16.72 10.61
CA SER B 8 -20.35 -16.63 11.89
C SER B 8 -21.28 -16.07 12.96
N ALA B 9 -22.28 -16.86 13.32
CA ALA B 9 -23.27 -16.46 14.31
C ALA B 9 -23.93 -17.72 14.86
N ASN B 10 -24.57 -17.59 16.01
CA ASN B 10 -25.23 -18.73 16.64
C ASN B 10 -26.75 -18.58 16.71
N ASN B 11 -27.30 -17.58 16.05
CA ASN B 11 -28.75 -17.35 16.11
C ASN B 11 -29.39 -17.07 14.75
N LEU B 12 -28.80 -17.56 13.67
CA LEU B 12 -29.35 -17.32 12.34
C LEU B 12 -30.47 -18.31 11.99
N PRO B 13 -31.36 -17.92 11.06
CA PRO B 13 -32.47 -18.79 10.64
C PRO B 13 -31.90 -20.01 9.93
N ALA B 14 -32.71 -21.06 9.80
CA ALA B 14 -32.28 -22.27 9.10
C ALA B 14 -32.08 -21.97 7.61
N ALA B 15 -31.23 -22.77 6.96
CA ALA B 15 -30.90 -22.60 5.55
C ALA B 15 -32.10 -22.44 4.58
N SER B 16 -33.12 -23.29 4.73
CA SER B 16 -34.28 -23.19 3.83
C SER B 16 -35.08 -21.90 4.01
N THR B 17 -35.03 -21.32 5.21
CA THR B 17 -35.72 -20.07 5.48
C THR B 17 -34.95 -18.97 4.75
N VAL B 18 -33.62 -19.02 4.85
CA VAL B 18 -32.75 -18.03 4.20
C VAL B 18 -32.91 -18.09 2.69
N VAL B 19 -32.93 -19.30 2.14
CA VAL B 19 -33.10 -19.49 0.69
C VAL B 19 -34.42 -18.87 0.27
N SER B 20 -35.43 -18.99 1.11
CA SER B 20 -36.73 -18.43 0.82
C SER B 20 -36.68 -16.90 0.86
N MET B 21 -35.92 -16.35 1.79
CA MET B 21 -35.79 -14.89 1.90
C MET B 21 -35.12 -14.34 0.63
N PHE B 22 -34.14 -15.07 0.11
CA PHE B 22 -33.46 -14.67 -1.12
C PHE B 22 -34.50 -14.56 -2.23
N LYS B 23 -35.29 -15.62 -2.40
CA LYS B 23 -36.32 -15.67 -3.42
C LYS B 23 -37.38 -14.58 -3.27
N SER B 24 -37.90 -14.36 -2.07
CA SER B 24 -38.92 -13.33 -1.90
C SER B 24 -38.40 -11.90 -2.07
N ASN B 25 -37.11 -11.68 -1.79
CA ASN B 25 -36.51 -10.36 -1.92
C ASN B 25 -35.92 -10.07 -3.31
N GLY B 26 -35.90 -11.08 -4.17
CA GLY B 26 -35.37 -10.91 -5.51
C GLY B 26 -33.85 -10.95 -5.64
N ILE B 27 -33.19 -11.60 -4.70
CA ILE B 27 -31.74 -11.71 -4.73
C ILE B 27 -31.41 -12.89 -5.64
N LYS B 28 -30.70 -12.61 -6.72
CA LYS B 28 -30.35 -13.62 -7.72
C LYS B 28 -29.17 -14.52 -7.44
N SER B 29 -28.18 -14.04 -6.69
CA SER B 29 -26.99 -14.82 -6.41
C SER B 29 -26.61 -14.85 -4.94
N MET B 30 -25.94 -15.92 -4.54
CA MET B 30 -25.53 -16.14 -3.17
C MET B 30 -24.06 -16.56 -3.09
N ARG B 31 -23.32 -15.98 -2.15
CA ARG B 31 -21.93 -16.36 -1.97
C ARG B 31 -21.78 -17.11 -0.64
N LEU B 32 -21.26 -18.33 -0.71
CA LEU B 32 -21.01 -19.14 0.47
C LEU B 32 -19.51 -19.20 0.67
N TYR B 33 -19.06 -19.14 1.91
CA TYR B 33 -17.62 -19.17 2.23
C TYR B 33 -17.08 -20.58 2.45
N ALA B 34 -18.00 -21.54 2.48
CA ALA B 34 -17.66 -22.95 2.66
C ALA B 34 -18.83 -23.75 2.10
N PRO B 35 -18.59 -25.01 1.69
CA PRO B 35 -19.66 -25.86 1.13
C PRO B 35 -20.58 -26.43 2.21
N ASN B 36 -21.31 -25.55 2.89
CA ASN B 36 -22.24 -25.96 3.94
C ASN B 36 -23.32 -26.87 3.35
N GLN B 37 -23.40 -28.10 3.85
CA GLN B 37 -24.36 -29.09 3.36
C GLN B 37 -25.81 -28.63 3.45
N ALA B 38 -26.19 -28.02 4.56
CA ALA B 38 -27.56 -27.55 4.74
C ALA B 38 -27.93 -26.52 3.68
N ALA B 39 -27.08 -25.50 3.49
CA ALA B 39 -27.33 -24.46 2.50
C ALA B 39 -27.38 -25.02 1.09
N LEU B 40 -26.44 -25.91 0.76
CA LEU B 40 -26.39 -26.49 -0.58
C LEU B 40 -27.59 -27.38 -0.88
N GLN B 41 -28.04 -28.15 0.10
CA GLN B 41 -29.20 -29.01 -0.08
C GLN B 41 -30.47 -28.17 -0.26
N ALA B 42 -30.53 -27.04 0.43
CA ALA B 42 -31.69 -26.15 0.37
C ALA B 42 -31.76 -25.22 -0.85
N VAL B 43 -30.62 -24.81 -1.39
CA VAL B 43 -30.61 -23.88 -2.51
C VAL B 43 -30.79 -24.56 -3.87
N GLY B 44 -30.65 -25.89 -3.90
CA GLY B 44 -30.81 -26.62 -5.14
C GLY B 44 -32.22 -26.52 -5.72
N GLY B 45 -32.29 -26.23 -7.02
CA GLY B 45 -33.57 -26.13 -7.70
C GLY B 45 -34.35 -24.85 -7.51
N THR B 46 -33.69 -23.81 -7.01
CA THR B 46 -34.36 -22.54 -6.75
C THR B 46 -34.02 -21.47 -7.79
N GLY B 47 -33.01 -21.74 -8.62
CA GLY B 47 -32.61 -20.79 -9.64
C GLY B 47 -31.60 -19.76 -9.17
N ILE B 48 -31.24 -19.79 -7.90
CA ILE B 48 -30.28 -18.84 -7.34
C ILE B 48 -28.88 -19.30 -7.69
N ASN B 49 -28.09 -18.39 -8.27
CA ASN B 49 -26.71 -18.70 -8.65
C ASN B 49 -25.87 -18.79 -7.39
N VAL B 50 -24.96 -19.77 -7.34
CA VAL B 50 -24.13 -19.95 -6.17
C VAL B 50 -22.62 -19.87 -6.40
N VAL B 51 -21.95 -19.12 -5.55
CA VAL B 51 -20.51 -19.00 -5.56
C VAL B 51 -20.16 -19.78 -4.30
N VAL B 52 -19.42 -20.88 -4.44
CA VAL B 52 -19.06 -21.67 -3.29
C VAL B 52 -17.56 -21.54 -3.05
N GLY B 53 -17.19 -21.33 -1.80
CA GLY B 53 -15.78 -21.17 -1.48
C GLY B 53 -15.13 -22.39 -0.87
N ALA B 54 -13.83 -22.50 -1.09
CA ALA B 54 -13.02 -23.56 -0.51
C ALA B 54 -12.32 -22.74 0.56
N PRO B 55 -12.64 -22.98 1.84
CA PRO B 55 -12.02 -22.23 2.93
C PRO B 55 -10.49 -22.31 2.98
N ASN B 56 -9.89 -21.29 3.58
CA ASN B 56 -8.43 -21.18 3.67
C ASN B 56 -7.74 -22.36 4.33
N ASP B 57 -8.42 -23.01 5.28
CA ASP B 57 -7.84 -24.16 5.98
C ASP B 57 -7.70 -25.42 5.12
N VAL B 58 -8.38 -25.49 3.98
CA VAL B 58 -8.26 -26.66 3.11
C VAL B 58 -7.33 -26.42 1.90
N LEU B 59 -6.83 -25.19 1.76
CA LEU B 59 -5.95 -24.83 0.64
C LEU B 59 -4.73 -25.72 0.49
N SER B 60 -4.04 -25.96 1.60
CA SER B 60 -2.85 -26.79 1.61
C SER B 60 -3.14 -28.16 1.02
N ASN B 61 -4.27 -28.74 1.41
CA ASN B 61 -4.66 -30.06 0.93
C ASN B 61 -4.98 -30.05 -0.56
N LEU B 62 -5.72 -29.05 -1.02
CA LEU B 62 -6.08 -28.95 -2.45
C LEU B 62 -4.86 -28.71 -3.33
N ALA B 63 -3.88 -27.98 -2.81
CA ALA B 63 -2.67 -27.68 -3.55
C ALA B 63 -1.73 -28.88 -3.57
N ALA B 64 -1.61 -29.54 -2.44
CA ALA B 64 -0.71 -30.70 -2.27
C ALA B 64 -1.15 -31.98 -2.98
N SER B 65 -2.45 -32.24 -3.04
CA SER B 65 -2.93 -33.46 -3.69
C SER B 65 -4.08 -33.26 -4.67
N PRO B 66 -3.82 -33.46 -5.97
CA PRO B 66 -4.86 -33.29 -6.97
C PRO B 66 -6.03 -34.26 -6.73
N ALA B 67 -5.72 -35.39 -6.09
CA ALA B 67 -6.74 -36.39 -5.76
C ALA B 67 -7.67 -35.79 -4.71
N ALA B 68 -7.10 -35.06 -3.75
CA ALA B 68 -7.87 -34.40 -2.71
C ALA B 68 -8.80 -33.38 -3.35
N ALA B 69 -8.33 -32.75 -4.42
CA ALA B 69 -9.11 -31.77 -5.15
C ALA B 69 -10.29 -32.43 -5.85
N ALA B 70 -10.06 -33.62 -6.43
CA ALA B 70 -11.11 -34.36 -7.12
C ALA B 70 -12.14 -34.82 -6.10
N SER B 71 -11.67 -35.15 -4.91
CA SER B 71 -12.55 -35.60 -3.84
C SER B 71 -13.40 -34.42 -3.33
N TRP B 72 -12.77 -33.25 -3.22
CA TRP B 72 -13.46 -32.06 -2.77
C TRP B 72 -14.58 -31.73 -3.75
N VAL B 73 -14.26 -31.79 -5.05
CA VAL B 73 -15.24 -31.51 -6.09
C VAL B 73 -16.38 -32.53 -6.08
N LYS B 74 -16.04 -33.80 -5.85
CA LYS B 74 -17.05 -34.84 -5.83
C LYS B 74 -18.03 -34.69 -4.66
N SER B 75 -17.50 -34.45 -3.47
CA SER B 75 -18.30 -34.30 -2.26
C SER B 75 -19.05 -32.98 -2.14
N ASN B 76 -18.49 -31.91 -2.69
CA ASN B 76 -19.13 -30.61 -2.55
C ASN B 76 -19.75 -29.99 -3.78
N ILE B 77 -19.46 -30.50 -4.96
CA ILE B 77 -20.01 -29.94 -6.19
C ILE B 77 -20.89 -30.98 -6.89
N GLN B 78 -20.28 -32.10 -7.28
CA GLN B 78 -21.01 -33.15 -7.97
C GLN B 78 -22.18 -33.71 -7.15
N ALA B 79 -22.06 -33.64 -5.83
CA ALA B 79 -23.10 -34.15 -4.95
C ALA B 79 -24.37 -33.31 -4.96
N TYR B 80 -24.33 -32.14 -5.60
CA TYR B 80 -25.50 -31.27 -5.65
C TYR B 80 -25.81 -30.87 -7.08
N PRO B 81 -26.30 -31.84 -7.89
CA PRO B 81 -26.64 -31.59 -9.29
C PRO B 81 -27.70 -30.53 -9.54
N LYS B 82 -28.55 -30.26 -8.54
CA LYS B 82 -29.63 -29.27 -8.67
C LYS B 82 -29.17 -27.83 -8.42
N VAL B 83 -27.98 -27.65 -7.88
CA VAL B 83 -27.47 -26.31 -7.59
C VAL B 83 -26.87 -25.62 -8.80
N SER B 84 -27.22 -24.35 -8.99
CA SER B 84 -26.72 -23.57 -10.11
C SER B 84 -25.38 -22.93 -9.71
N PHE B 85 -24.32 -23.74 -9.72
CA PHE B 85 -22.99 -23.24 -9.37
C PHE B 85 -22.49 -22.32 -10.46
N ARG B 86 -21.91 -21.20 -10.05
CA ARG B 86 -21.37 -20.21 -10.99
C ARG B 86 -19.84 -20.20 -10.87
N TYR B 87 -19.33 -20.05 -9.64
CA TYR B 87 -17.88 -20.05 -9.43
C TYR B 87 -17.50 -20.82 -8.18
N VAL B 88 -16.26 -21.30 -8.17
CA VAL B 88 -15.68 -21.96 -7.00
C VAL B 88 -14.58 -20.96 -6.62
N CYS B 89 -14.74 -20.31 -5.48
CA CYS B 89 -13.76 -19.34 -5.00
C CYS B 89 -12.80 -20.02 -4.05
N VAL B 90 -11.57 -20.25 -4.53
CA VAL B 90 -10.54 -20.91 -3.74
C VAL B 90 -9.80 -19.90 -2.86
N GLY B 91 -10.16 -19.90 -1.58
CA GLY B 91 -9.53 -19.00 -0.64
C GLY B 91 -10.18 -17.64 -0.58
N ASN B 92 -10.03 -16.98 0.56
CA ASN B 92 -10.58 -15.65 0.75
C ASN B 92 -9.53 -14.85 1.48
N GLU B 93 -8.96 -13.87 0.79
CA GLU B 93 -7.93 -12.99 1.35
C GLU B 93 -6.77 -13.79 1.93
N VAL B 94 -6.31 -14.78 1.17
CA VAL B 94 -5.18 -15.61 1.58
C VAL B 94 -3.96 -14.70 1.73
N ALA B 95 -3.20 -14.90 2.81
CA ALA B 95 -2.03 -14.07 3.07
C ALA B 95 -0.84 -14.86 3.58
N GLY B 96 0.33 -14.23 3.56
CA GLY B 96 1.55 -14.86 4.04
C GLY B 96 2.07 -15.97 3.16
N GLY B 97 2.66 -16.99 3.78
CA GLY B 97 3.19 -18.12 3.03
C GLY B 97 2.14 -18.96 2.34
N ALA B 98 0.91 -18.89 2.84
CA ALA B 98 -0.19 -19.66 2.28
C ALA B 98 -0.47 -19.30 0.81
N THR B 99 -0.08 -18.09 0.41
CA THR B 99 -0.29 -17.64 -0.96
C THR B 99 0.41 -18.50 -2.00
N ARG B 100 1.42 -19.26 -1.56
CA ARG B 100 2.17 -20.14 -2.45
C ARG B 100 1.29 -21.32 -2.89
N ASN B 101 0.27 -21.62 -2.10
CA ASN B 101 -0.65 -22.72 -2.39
C ASN B 101 -1.79 -22.32 -3.30
N LEU B 102 -1.99 -21.03 -3.47
CA LEU B 102 -3.06 -20.50 -4.30
C LEU B 102 -3.20 -21.08 -5.70
N VAL B 103 -2.24 -20.81 -6.57
CA VAL B 103 -2.31 -21.31 -7.94
C VAL B 103 -2.40 -22.83 -8.03
N PRO B 104 -1.55 -23.57 -7.28
CA PRO B 104 -1.61 -25.04 -7.33
C PRO B 104 -3.01 -25.55 -6.98
N ALA B 105 -3.61 -24.98 -5.93
CA ALA B 105 -4.96 -25.38 -5.51
C ALA B 105 -5.99 -25.07 -6.58
N MET B 106 -5.90 -23.88 -7.18
CA MET B 106 -6.84 -23.49 -8.24
C MET B 106 -6.70 -24.39 -9.46
N LYS B 107 -5.46 -24.74 -9.80
CA LYS B 107 -5.18 -25.62 -10.93
C LYS B 107 -5.82 -26.99 -10.71
N ASN B 108 -5.61 -27.53 -9.51
CA ASN B 108 -6.15 -28.85 -9.17
C ASN B 108 -7.67 -28.88 -9.13
N VAL B 109 -8.29 -27.82 -8.59
CA VAL B 109 -9.74 -27.77 -8.54
C VAL B 109 -10.26 -27.64 -9.99
N HIS B 110 -9.59 -26.81 -10.78
CA HIS B 110 -9.97 -26.60 -12.17
C HIS B 110 -9.90 -27.90 -12.97
N GLY B 111 -8.83 -28.66 -12.77
CA GLY B 111 -8.68 -29.92 -13.48
C GLY B 111 -9.77 -30.89 -13.11
N ALA B 112 -10.12 -30.93 -11.83
CA ALA B 112 -11.18 -31.83 -11.34
C ALA B 112 -12.53 -31.48 -11.93
N LEU B 113 -12.81 -30.18 -12.05
CA LEU B 113 -14.07 -29.72 -12.60
C LEU B 113 -14.24 -30.07 -14.06
N VAL B 114 -13.22 -29.76 -14.86
CA VAL B 114 -13.25 -30.04 -16.29
C VAL B 114 -13.44 -31.53 -16.57
N ALA B 115 -12.79 -32.36 -15.77
CA ALA B 115 -12.87 -33.81 -15.90
C ALA B 115 -14.28 -34.35 -15.65
N ALA B 116 -15.04 -33.65 -14.83
CA ALA B 116 -16.41 -34.06 -14.50
C ALA B 116 -17.46 -33.45 -15.44
N GLY B 117 -17.00 -32.68 -16.43
CA GLY B 117 -17.93 -32.04 -17.34
C GLY B 117 -18.52 -30.79 -16.72
N LEU B 118 -17.94 -30.36 -15.60
CA LEU B 118 -18.41 -29.19 -14.89
C LEU B 118 -17.49 -27.99 -15.15
N GLY B 119 -16.83 -28.04 -16.31
CA GLY B 119 -15.91 -26.98 -16.70
C GLY B 119 -16.51 -25.60 -16.88
N HIS B 120 -17.84 -25.51 -16.89
CA HIS B 120 -18.50 -24.20 -17.04
C HIS B 120 -18.39 -23.42 -15.74
N ILE B 121 -18.10 -24.14 -14.65
CA ILE B 121 -17.95 -23.51 -13.34
C ILE B 121 -16.52 -23.00 -13.25
N LYS B 122 -16.37 -21.68 -13.23
CA LYS B 122 -15.06 -21.05 -13.18
C LYS B 122 -14.40 -21.04 -11.79
N VAL B 123 -13.08 -21.24 -11.77
CA VAL B 123 -12.31 -21.25 -10.52
C VAL B 123 -11.61 -19.91 -10.36
N THR B 124 -11.74 -19.31 -9.18
CA THR B 124 -11.14 -18.02 -8.92
C THR B 124 -10.73 -17.92 -7.46
N THR B 125 -10.30 -16.73 -7.06
CA THR B 125 -9.92 -16.47 -5.67
C THR B 125 -10.38 -15.05 -5.33
N SER B 126 -10.55 -14.78 -4.05
CA SER B 126 -11.03 -13.47 -3.59
C SER B 126 -9.92 -12.73 -2.87
N VAL B 127 -9.63 -11.51 -3.30
CA VAL B 127 -8.58 -10.72 -2.69
C VAL B 127 -9.11 -9.44 -2.06
N SER B 128 -8.38 -8.95 -1.06
CA SER B 128 -8.73 -7.73 -0.36
C SER B 128 -8.23 -6.52 -1.13
N GLN B 129 -8.89 -5.38 -0.95
CA GLN B 129 -8.48 -4.14 -1.61
C GLN B 129 -7.12 -3.70 -1.07
N ALA B 130 -6.72 -4.27 0.07
CA ALA B 130 -5.46 -3.96 0.71
C ALA B 130 -4.22 -4.38 -0.12
N ILE B 131 -4.40 -5.23 -1.12
CA ILE B 131 -3.26 -5.64 -1.94
C ILE B 131 -2.88 -4.56 -2.95
N LEU B 132 -3.69 -3.50 -3.05
CA LEU B 132 -3.39 -2.41 -3.96
C LEU B 132 -2.42 -1.45 -3.28
N GLY B 133 -1.28 -1.21 -3.91
CA GLY B 133 -0.30 -0.28 -3.36
C GLY B 133 -0.70 1.14 -3.71
N VAL B 134 -1.35 1.28 -4.87
CA VAL B 134 -1.84 2.57 -5.35
C VAL B 134 -3.25 2.39 -5.91
N PHE B 135 -4.18 3.22 -5.46
CA PHE B 135 -5.56 3.13 -5.95
C PHE B 135 -5.94 4.46 -6.56
N SER B 136 -5.23 5.51 -6.14
CA SER B 136 -5.49 6.86 -6.63
C SER B 136 -4.20 7.49 -7.17
N PRO B 137 -4.21 7.93 -8.45
CA PRO B 137 -5.34 7.86 -9.38
C PRO B 137 -5.41 6.46 -9.99
N PRO B 138 -6.60 6.05 -10.48
CA PRO B 138 -6.78 4.71 -11.07
C PRO B 138 -5.79 4.35 -12.17
N SER B 139 -5.39 5.32 -12.97
CA SER B 139 -4.44 5.10 -14.07
C SER B 139 -3.08 4.60 -13.59
N ALA B 140 -2.80 4.75 -12.31
CA ALA B 140 -1.53 4.32 -11.74
C ALA B 140 -1.69 3.07 -10.86
N GLY B 141 -2.87 2.48 -10.89
CA GLY B 141 -3.14 1.29 -10.10
C GLY B 141 -2.07 0.22 -10.16
N SER B 142 -1.63 -0.23 -9.00
CA SER B 142 -0.59 -1.25 -8.92
C SER B 142 -0.75 -2.05 -7.64
N PHE B 143 -0.35 -3.32 -7.69
CA PHE B 143 -0.38 -4.18 -6.53
C PHE B 143 0.89 -3.83 -5.77
N THR B 144 0.91 -4.10 -4.46
CA THR B 144 2.10 -3.84 -3.66
C THR B 144 3.17 -4.83 -4.13
N GLY B 145 4.39 -4.68 -3.60
CA GLY B 145 5.48 -5.57 -3.96
C GLY B 145 5.22 -7.00 -3.51
N GLU B 146 4.81 -7.19 -2.26
CA GLU B 146 4.53 -8.52 -1.72
C GLU B 146 3.43 -9.17 -2.53
N ALA B 147 2.32 -8.44 -2.72
CA ALA B 147 1.18 -8.95 -3.46
C ALA B 147 1.51 -9.29 -4.91
N ALA B 148 2.28 -8.42 -5.57
CA ALA B 148 2.67 -8.63 -6.96
C ALA B 148 3.35 -9.98 -7.16
N ALA B 149 4.09 -10.43 -6.15
CA ALA B 149 4.80 -11.70 -6.19
C ALA B 149 3.90 -12.89 -6.48
N PHE B 150 2.74 -12.95 -5.82
CA PHE B 150 1.81 -14.05 -6.05
C PHE B 150 0.69 -13.69 -7.00
N MET B 151 0.37 -12.40 -7.12
CA MET B 151 -0.71 -11.97 -8.01
C MET B 151 -0.38 -12.15 -9.48
N GLY B 152 0.91 -12.06 -9.84
CA GLY B 152 1.31 -12.24 -11.22
C GLY B 152 0.81 -13.59 -11.71
N PRO B 153 1.22 -14.69 -11.07
CA PRO B 153 0.80 -16.04 -11.44
C PRO B 153 -0.72 -16.24 -11.36
N VAL B 154 -1.35 -15.63 -10.36
CA VAL B 154 -2.80 -15.74 -10.19
C VAL B 154 -3.53 -15.14 -11.38
N VAL B 155 -3.20 -13.90 -11.71
CA VAL B 155 -3.81 -13.19 -12.82
C VAL B 155 -3.60 -13.93 -14.14
N GLN B 156 -2.40 -14.49 -14.34
CA GLN B 156 -2.12 -15.21 -15.56
C GLN B 156 -2.93 -16.50 -15.67
N PHE B 157 -3.19 -17.16 -14.55
CA PHE B 157 -4.01 -18.36 -14.54
C PHE B 157 -5.44 -17.99 -14.92
N LEU B 158 -5.96 -16.90 -14.34
CA LEU B 158 -7.33 -16.44 -14.62
C LEU B 158 -7.50 -16.05 -16.09
N ALA B 159 -6.46 -15.46 -16.66
CA ALA B 159 -6.50 -15.04 -18.05
C ALA B 159 -6.55 -16.24 -18.99
N ARG B 160 -5.77 -17.26 -18.68
CA ARG B 160 -5.73 -18.44 -19.55
C ARG B 160 -6.96 -19.33 -19.39
N THR B 161 -7.63 -19.25 -18.24
CA THR B 161 -8.82 -20.06 -18.02
C THR B 161 -10.10 -19.25 -18.22
N ASN B 162 -9.97 -18.00 -18.63
CA ASN B 162 -11.12 -17.13 -18.86
C ASN B 162 -11.99 -17.02 -17.60
N ALA B 163 -11.34 -16.83 -16.46
CA ALA B 163 -12.01 -16.71 -15.17
C ALA B 163 -11.79 -15.29 -14.66
N PRO B 164 -12.75 -14.75 -13.90
CA PRO B 164 -12.62 -13.39 -13.37
C PRO B 164 -11.88 -13.42 -12.04
N LEU B 165 -11.43 -12.24 -11.59
CA LEU B 165 -10.77 -12.15 -10.30
C LEU B 165 -11.84 -11.58 -9.37
N MET B 166 -11.92 -12.07 -8.13
CA MET B 166 -12.90 -11.54 -7.20
C MET B 166 -12.18 -10.62 -6.22
N ALA B 167 -12.78 -9.47 -5.95
CA ALA B 167 -12.21 -8.49 -5.04
C ALA B 167 -13.25 -8.00 -4.04
N ASN B 168 -12.82 -7.91 -2.77
CA ASN B 168 -13.66 -7.42 -1.68
C ASN B 168 -13.31 -5.95 -1.60
N ILE B 169 -14.25 -5.11 -2.00
CA ILE B 169 -14.03 -3.68 -2.04
C ILE B 169 -14.92 -2.93 -1.06
N TYR B 170 -14.30 -2.24 -0.11
CA TYR B 170 -15.05 -1.50 0.88
C TYR B 170 -14.66 -0.04 1.01
N PRO B 171 -15.34 0.87 0.29
CA PRO B 171 -15.02 2.30 0.38
C PRO B 171 -15.07 2.75 1.86
N TYR B 172 -15.96 2.16 2.64
CA TYR B 172 -16.07 2.53 4.06
C TYR B 172 -14.78 2.29 4.82
N LEU B 173 -14.17 1.12 4.63
CA LEU B 173 -12.93 0.81 5.32
C LEU B 173 -11.76 1.68 4.90
N ALA B 174 -11.70 2.03 3.61
CA ALA B 174 -10.64 2.90 3.11
C ALA B 174 -10.77 4.29 3.74
N TRP B 175 -12.01 4.76 3.85
CA TRP B 175 -12.28 6.06 4.44
C TRP B 175 -12.05 6.05 5.95
N ALA B 176 -12.58 5.03 6.63
CA ALA B 176 -12.46 4.92 8.08
C ALA B 176 -11.03 4.83 8.59
N TYR B 177 -10.12 4.33 7.76
CA TYR B 177 -8.69 4.22 8.11
C TYR B 177 -8.16 5.57 8.56
N ASN B 178 -8.60 6.62 7.87
CA ASN B 178 -8.21 7.98 8.18
C ASN B 178 -9.31 8.92 7.62
N PRO B 179 -10.33 9.22 8.45
CA PRO B 179 -11.46 10.08 8.09
C PRO B 179 -11.08 11.48 7.62
N SER B 180 -9.90 11.94 7.99
CA SER B 180 -9.46 13.28 7.57
C SER B 180 -8.85 13.28 6.17
N ALA B 181 -8.46 12.10 5.67
CA ALA B 181 -7.83 11.96 4.36
C ALA B 181 -8.75 12.14 3.15
N MET B 182 -10.05 11.92 3.33
CA MET B 182 -10.98 12.08 2.22
C MET B 182 -12.37 12.38 2.68
N ASP B 183 -13.15 13.02 1.80
CA ASP B 183 -14.52 13.35 2.09
C ASP B 183 -15.32 12.04 2.22
N MET B 184 -16.15 11.95 3.26
CA MET B 184 -16.94 10.75 3.47
C MET B 184 -17.92 10.53 2.33
N GLY B 185 -18.44 11.64 1.79
CA GLY B 185 -19.37 11.55 0.68
C GLY B 185 -18.79 10.81 -0.51
N TYR B 186 -17.48 10.89 -0.70
CA TYR B 186 -16.80 10.21 -1.80
C TYR B 186 -16.89 8.69 -1.65
N ALA B 187 -16.81 8.22 -0.41
CA ALA B 187 -16.89 6.80 -0.14
C ALA B 187 -18.34 6.31 -0.11
N LEU B 188 -19.25 7.23 0.21
CA LEU B 188 -20.67 6.92 0.35
C LEU B 188 -21.58 7.10 -0.88
N PHE B 189 -21.01 7.48 -2.03
CA PHE B 189 -21.79 7.72 -3.26
C PHE B 189 -22.59 9.00 -3.09
N ASN B 190 -22.09 9.90 -2.26
CA ASN B 190 -22.77 11.17 -1.99
C ASN B 190 -21.79 12.33 -2.15
N ALA B 191 -21.04 12.33 -3.23
CA ALA B 191 -20.07 13.39 -3.48
C ALA B 191 -20.51 14.35 -4.56
N SER B 192 -21.69 14.94 -4.37
CA SER B 192 -22.22 15.90 -5.34
C SER B 192 -21.28 17.08 -5.51
N GLY B 193 -21.01 17.43 -6.76
CA GLY B 193 -20.12 18.54 -7.06
C GLY B 193 -18.66 18.15 -7.12
N THR B 194 -18.36 16.95 -6.66
CA THR B 194 -16.98 16.46 -6.66
C THR B 194 -16.70 15.57 -7.87
N VAL B 195 -15.72 15.98 -8.67
CA VAL B 195 -15.29 15.19 -9.82
C VAL B 195 -13.77 15.17 -9.74
N VAL B 196 -13.21 14.02 -9.43
CA VAL B 196 -11.75 13.87 -9.34
C VAL B 196 -11.26 13.41 -10.70
N ARG B 197 -10.55 14.31 -11.38
CA ARG B 197 -10.03 14.05 -12.71
C ARG B 197 -8.82 13.14 -12.75
N ASP B 198 -8.84 12.21 -13.69
CA ASP B 198 -7.72 11.32 -13.90
C ASP B 198 -7.59 11.23 -15.41
N GLY B 199 -6.88 12.19 -15.98
CA GLY B 199 -6.71 12.23 -17.42
C GLY B 199 -8.03 12.65 -18.05
N ALA B 200 -8.52 11.83 -18.97
CA ALA B 200 -9.78 12.13 -19.65
C ALA B 200 -11.02 11.67 -18.88
N TYR B 201 -10.82 10.97 -17.76
CA TYR B 201 -11.94 10.45 -16.97
C TYR B 201 -12.15 11.17 -15.64
N GLY B 202 -13.42 11.32 -15.26
CA GLY B 202 -13.76 11.97 -14.00
C GLY B 202 -14.42 10.98 -13.06
N TYR B 203 -13.92 10.91 -11.83
CA TYR B 203 -14.46 9.99 -10.83
C TYR B 203 -15.29 10.72 -9.77
N GLN B 204 -16.41 10.10 -9.35
CA GLN B 204 -17.29 10.72 -8.37
C GLN B 204 -17.43 9.92 -7.09
N ASN B 205 -16.87 8.72 -7.06
CA ASN B 205 -16.97 7.89 -5.87
C ASN B 205 -15.77 6.97 -5.78
N LEU B 206 -15.47 6.54 -4.56
CA LEU B 206 -14.34 5.67 -4.30
C LEU B 206 -14.50 4.26 -4.86
N PHE B 207 -15.74 3.79 -4.97
CA PHE B 207 -16.00 2.45 -5.51
C PHE B 207 -15.43 2.35 -6.94
N ASP B 208 -15.79 3.30 -7.80
CA ASP B 208 -15.32 3.31 -9.19
C ASP B 208 -13.81 3.41 -9.27
N THR B 209 -13.24 4.29 -8.44
CA THR B 209 -11.79 4.50 -8.38
C THR B 209 -11.07 3.19 -8.07
N THR B 210 -11.55 2.48 -7.04
CA THR B 210 -10.95 1.21 -6.62
C THR B 210 -11.08 0.12 -7.66
N VAL B 211 -12.25 0.02 -8.28
CA VAL B 211 -12.47 -0.99 -9.33
C VAL B 211 -11.52 -0.72 -10.50
N ASP B 212 -11.45 0.53 -10.94
CA ASP B 212 -10.57 0.87 -12.04
C ASP B 212 -9.09 0.73 -11.70
N ALA B 213 -8.74 0.93 -10.44
CA ALA B 213 -7.36 0.78 -10.01
C ALA B 213 -7.00 -0.70 -10.12
N PHE B 214 -7.93 -1.58 -9.73
CA PHE B 214 -7.70 -3.02 -9.82
C PHE B 214 -7.45 -3.44 -11.27
N TYR B 215 -8.28 -2.92 -12.17
CA TYR B 215 -8.15 -3.21 -13.59
C TYR B 215 -6.78 -2.80 -14.12
N THR B 216 -6.30 -1.63 -13.72
CA THR B 216 -4.99 -1.16 -14.15
C THR B 216 -3.90 -2.10 -13.62
N ALA B 217 -3.99 -2.46 -12.34
CA ALA B 217 -3.01 -3.36 -11.71
C ALA B 217 -2.96 -4.71 -12.42
N MET B 218 -4.13 -5.25 -12.75
CA MET B 218 -4.21 -6.54 -13.46
C MET B 218 -3.60 -6.46 -14.86
N GLY B 219 -3.83 -5.35 -15.54
CA GLY B 219 -3.30 -5.18 -16.87
C GLY B 219 -1.78 -5.26 -16.93
N LYS B 220 -1.12 -4.88 -15.84
CA LYS B 220 0.33 -4.91 -15.77
C LYS B 220 0.93 -6.31 -15.64
N HIS B 221 0.10 -7.31 -15.36
CA HIS B 221 0.57 -8.68 -15.19
C HIS B 221 0.01 -9.63 -16.24
N GLY B 222 -0.43 -9.06 -17.36
CA GLY B 222 -0.99 -9.86 -18.44
C GLY B 222 -2.45 -10.22 -18.24
N GLY B 223 -3.15 -9.42 -17.46
CA GLY B 223 -4.55 -9.70 -17.21
C GLY B 223 -5.51 -8.68 -17.77
N SER B 224 -5.20 -8.09 -18.91
CA SER B 224 -6.07 -7.08 -19.51
C SER B 224 -7.43 -7.63 -19.96
N SER B 225 -7.53 -8.95 -20.10
CA SER B 225 -8.78 -9.58 -20.53
C SER B 225 -9.56 -10.17 -19.34
N VAL B 226 -9.01 -10.04 -18.14
CA VAL B 226 -9.66 -10.59 -16.94
C VAL B 226 -10.68 -9.61 -16.39
N LYS B 227 -11.89 -10.11 -16.16
CA LYS B 227 -12.99 -9.32 -15.61
C LYS B 227 -12.90 -9.31 -14.09
N LEU B 228 -13.45 -8.27 -13.48
CA LEU B 228 -13.45 -8.17 -12.03
C LEU B 228 -14.87 -8.36 -11.51
N VAL B 229 -14.99 -9.15 -10.45
CA VAL B 229 -16.27 -9.39 -9.79
C VAL B 229 -16.06 -8.85 -8.37
N VAL B 230 -16.99 -8.02 -7.91
CA VAL B 230 -16.90 -7.49 -6.56
C VAL B 230 -17.57 -8.52 -5.65
N SER B 231 -16.75 -9.33 -4.98
CA SER B 231 -17.24 -10.40 -4.13
C SER B 231 -17.77 -10.00 -2.74
N GLU B 232 -17.51 -8.75 -2.35
CA GLU B 232 -17.97 -8.21 -1.08
C GLU B 232 -17.93 -6.70 -1.15
N SER B 233 -18.94 -6.08 -0.55
CA SER B 233 -19.04 -4.63 -0.44
C SER B 233 -20.25 -4.35 0.44
N GLY B 234 -20.14 -3.33 1.27
CA GLY B 234 -21.22 -2.98 2.16
C GLY B 234 -20.82 -1.81 3.03
N TRP B 235 -21.68 -1.46 3.97
CA TRP B 235 -21.44 -0.36 4.91
C TRP B 235 -22.09 -0.80 6.21
N PRO B 236 -21.35 -0.73 7.33
CA PRO B 236 -21.91 -1.15 8.62
C PRO B 236 -23.01 -0.22 9.15
N SER B 237 -23.95 -0.78 9.89
CA SER B 237 -25.06 -0.02 10.45
C SER B 237 -24.85 0.43 11.89
N GLY B 238 -23.72 0.04 12.48
CA GLY B 238 -23.42 0.41 13.85
C GLY B 238 -22.04 -0.07 14.25
N GLY B 239 -21.56 0.41 15.40
CA GLY B 239 -20.28 -0.02 15.91
C GLY B 239 -19.05 0.78 15.54
N GLY B 240 -19.22 1.82 14.74
CA GLY B 240 -18.08 2.64 14.34
C GLY B 240 -18.53 3.97 13.81
N THR B 241 -17.58 4.81 13.43
CA THR B 241 -17.86 6.15 12.90
C THR B 241 -18.67 6.09 11.61
N ALA B 242 -19.73 6.89 11.55
CA ALA B 242 -20.61 6.95 10.38
C ALA B 242 -21.32 5.63 10.10
N ALA B 243 -21.21 4.68 11.02
CA ALA B 243 -21.88 3.40 10.86
C ALA B 243 -23.27 3.55 11.48
N THR B 244 -24.26 3.86 10.65
CA THR B 244 -25.63 4.04 11.10
C THR B 244 -26.56 3.39 10.08
N PRO B 245 -27.82 3.07 10.47
CA PRO B 245 -28.74 2.44 9.51
C PRO B 245 -28.98 3.31 8.28
N ALA B 246 -29.02 4.62 8.48
CA ALA B 246 -29.23 5.58 7.40
C ALA B 246 -28.08 5.60 6.38
N ASN B 247 -26.84 5.54 6.88
CA ASN B 247 -25.68 5.54 6.00
C ASN B 247 -25.52 4.20 5.28
N ALA B 248 -25.80 3.11 6.00
CA ALA B 248 -25.69 1.77 5.42
C ALA B 248 -26.72 1.61 4.30
N ARG B 249 -27.95 2.08 4.54
CA ARG B 249 -28.99 1.99 3.52
C ARG B 249 -28.61 2.84 2.31
N PHE B 250 -28.16 4.06 2.57
CA PHE B 250 -27.76 4.96 1.51
C PHE B 250 -26.67 4.33 0.64
N TYR B 251 -25.66 3.76 1.27
CA TYR B 251 -24.57 3.14 0.53
C TYR B 251 -25.05 1.96 -0.28
N ASN B 252 -25.62 0.96 0.38
CA ASN B 252 -26.08 -0.25 -0.29
C ASN B 252 -27.12 -0.04 -1.39
N GLN B 253 -28.06 0.88 -1.19
CA GLN B 253 -29.06 1.13 -2.21
C GLN B 253 -28.42 1.82 -3.41
N HIS B 254 -27.46 2.69 -3.14
CA HIS B 254 -26.76 3.39 -4.21
C HIS B 254 -25.87 2.41 -4.96
N LEU B 255 -25.28 1.47 -4.23
CA LEU B 255 -24.43 0.45 -4.83
C LEU B 255 -25.26 -0.36 -5.81
N ILE B 256 -26.41 -0.84 -5.35
CA ILE B 256 -27.30 -1.65 -6.19
C ILE B 256 -27.71 -0.92 -7.47
N ASN B 257 -28.03 0.36 -7.36
CA ASN B 257 -28.45 1.14 -8.51
C ASN B 257 -27.27 1.56 -9.39
N HIS B 258 -26.06 1.44 -8.85
CA HIS B 258 -24.88 1.86 -9.58
C HIS B 258 -24.14 0.79 -10.39
N VAL B 259 -24.02 -0.42 -9.85
CA VAL B 259 -23.27 -1.47 -10.54
C VAL B 259 -23.68 -1.86 -11.95
N GLY B 260 -24.91 -1.53 -12.35
CA GLY B 260 -25.34 -1.83 -13.69
C GLY B 260 -24.70 -0.92 -14.73
N ARG B 261 -24.31 0.28 -14.30
CA ARG B 261 -23.69 1.26 -15.19
C ARG B 261 -22.18 1.06 -15.35
N GLY B 262 -21.55 0.48 -14.34
CA GLY B 262 -20.12 0.27 -14.41
C GLY B 262 -19.33 1.49 -14.00
N THR B 263 -18.05 1.52 -14.38
CA THR B 263 -17.14 2.60 -14.04
C THR B 263 -16.76 3.46 -15.25
N PRO B 264 -16.07 4.59 -15.04
CA PRO B 264 -15.65 5.47 -16.14
C PRO B 264 -14.83 4.74 -17.22
N ARG B 265 -13.87 3.91 -16.81
CA ARG B 265 -13.03 3.20 -17.76
C ARG B 265 -13.59 1.85 -18.17
N HIS B 266 -14.55 1.34 -17.39
CA HIS B 266 -15.17 0.05 -17.70
C HIS B 266 -16.69 0.09 -17.60
N PRO B 267 -17.34 0.66 -18.62
CA PRO B 267 -18.82 0.76 -18.65
C PRO B 267 -19.42 -0.64 -18.77
N GLY B 268 -20.63 -0.79 -18.25
CA GLY B 268 -21.29 -2.08 -18.29
C GLY B 268 -21.43 -2.64 -16.89
N ALA B 269 -22.36 -3.58 -16.73
CA ALA B 269 -22.63 -4.18 -15.43
C ALA B 269 -21.46 -4.87 -14.75
N ILE B 270 -21.31 -4.64 -13.46
CA ILE B 270 -20.27 -5.26 -12.65
C ILE B 270 -20.99 -6.25 -11.72
N GLU B 271 -20.60 -7.52 -11.78
CA GLU B 271 -21.22 -8.52 -10.92
C GLU B 271 -20.80 -8.19 -9.48
N THR B 272 -21.78 -7.98 -8.61
CA THR B 272 -21.55 -7.56 -7.24
C THR B 272 -22.30 -8.35 -6.17
N TYR B 273 -21.63 -8.60 -5.05
CA TYR B 273 -22.19 -9.31 -3.90
C TYR B 273 -22.10 -8.42 -2.68
N ILE B 274 -23.23 -8.18 -2.06
CA ILE B 274 -23.28 -7.35 -0.86
C ILE B 274 -22.96 -8.17 0.39
N PHE B 275 -22.10 -7.62 1.24
CA PHE B 275 -21.76 -8.27 2.49
C PHE B 275 -22.49 -7.45 3.56
N ALA B 276 -23.48 -8.04 4.24
CA ALA B 276 -23.83 -9.47 4.16
C ALA B 276 -25.32 -9.64 4.47
N MET B 277 -25.83 -10.86 4.38
CA MET B 277 -27.24 -11.12 4.63
C MET B 277 -27.69 -10.77 6.05
N PHE B 278 -26.96 -11.27 7.05
CA PHE B 278 -27.30 -11.03 8.45
C PHE B 278 -26.17 -10.44 9.27
N ASN B 279 -26.53 -9.84 10.41
CA ASN B 279 -25.55 -9.32 11.35
C ASN B 279 -25.03 -10.63 11.96
N GLU B 280 -23.72 -10.75 12.13
CA GLU B 280 -23.16 -11.97 12.68
C GLU B 280 -22.58 -11.68 14.06
N ASN B 281 -23.23 -12.23 15.09
CA ASN B 281 -22.81 -12.00 16.48
C ASN B 281 -21.51 -12.65 16.94
N GLN B 282 -20.93 -13.54 16.13
CA GLN B 282 -19.68 -14.18 16.53
C GLN B 282 -18.43 -13.57 15.89
N LYS B 283 -18.59 -12.39 15.29
CA LYS B 283 -17.46 -11.69 14.69
C LYS B 283 -16.94 -10.71 15.75
N ASP B 284 -15.88 -9.97 15.42
CA ASP B 284 -15.31 -9.01 16.38
C ASP B 284 -16.33 -7.95 16.76
N SER B 285 -16.26 -7.48 18.00
CA SER B 285 -17.16 -6.44 18.47
C SER B 285 -16.87 -5.15 17.70
N GLY B 286 -17.93 -4.43 17.34
CA GLY B 286 -17.76 -3.20 16.59
C GLY B 286 -18.48 -3.31 15.25
N VAL B 287 -17.93 -2.69 14.21
CA VAL B 287 -18.55 -2.73 12.88
C VAL B 287 -18.75 -4.14 12.35
N GLU B 288 -17.84 -5.05 12.68
CA GLU B 288 -17.89 -6.43 12.21
C GLU B 288 -19.18 -7.20 12.52
N GLN B 289 -19.89 -6.78 13.56
CA GLN B 289 -21.14 -7.44 13.94
C GLN B 289 -22.34 -6.70 13.37
N ASN B 290 -22.09 -5.69 12.54
CA ASN B 290 -23.17 -4.89 11.98
C ASN B 290 -23.15 -4.70 10.47
N TRP B 291 -22.84 -5.77 9.73
CA TRP B 291 -22.79 -5.68 8.26
C TRP B 291 -24.06 -6.20 7.59
N GLY B 292 -24.98 -6.73 8.39
CA GLY B 292 -26.19 -7.30 7.82
C GLY B 292 -27.29 -6.44 7.23
N LEU B 293 -27.98 -7.01 6.25
CA LEU B 293 -29.11 -6.36 5.61
C LEU B 293 -30.34 -6.71 6.47
N PHE B 294 -30.25 -7.83 7.19
CA PHE B 294 -31.31 -8.34 8.05
C PHE B 294 -30.83 -8.68 9.44
N TYR B 295 -31.75 -8.61 10.40
CA TYR B 295 -31.45 -9.00 11.78
C TYR B 295 -31.69 -10.50 11.77
N PRO B 296 -31.10 -11.22 12.74
CA PRO B 296 -31.30 -12.67 12.81
C PRO B 296 -32.78 -13.07 12.90
N ASN B 297 -33.63 -12.14 13.34
CA ASN B 297 -35.06 -12.41 13.47
C ASN B 297 -35.82 -12.23 12.15
N MET B 298 -35.07 -12.00 11.07
CA MET B 298 -35.61 -11.84 9.72
C MET B 298 -36.15 -10.46 9.36
N GLN B 299 -36.04 -9.52 10.28
CA GLN B 299 -36.49 -8.15 10.02
C GLN B 299 -35.40 -7.36 9.29
N HIS B 300 -35.82 -6.47 8.40
CA HIS B 300 -34.87 -5.62 7.67
C HIS B 300 -34.22 -4.65 8.66
N VAL B 301 -32.91 -4.44 8.54
CA VAL B 301 -32.23 -3.49 9.41
C VAL B 301 -32.61 -2.11 8.85
N TYR B 302 -32.83 -2.08 7.53
CA TYR B 302 -33.22 -0.89 6.79
C TYR B 302 -33.82 -1.37 5.47
N PRO B 303 -34.69 -0.56 4.84
CA PRO B 303 -35.30 -0.96 3.57
C PRO B 303 -34.30 -0.97 2.41
N ILE B 304 -34.45 -1.97 1.54
CA ILE B 304 -33.59 -2.11 0.38
C ILE B 304 -34.43 -2.69 -0.75
N ASN B 305 -34.30 -2.14 -1.94
CA ASN B 305 -35.02 -2.64 -3.11
C ASN B 305 -33.95 -3.26 -3.99
N PHE B 306 -33.97 -4.58 -4.10
CA PHE B 306 -33.00 -5.30 -4.90
C PHE B 306 -33.37 -5.30 -6.38
C1 NAG C . -0.26 24.85 17.69
C2 NAG C . 0.71 25.86 18.32
C3 NAG C . 0.08 26.48 19.59
C4 NAG C . -1.34 26.98 19.31
C5 NAG C . -2.17 25.86 18.66
C6 NAG C . -3.59 26.23 18.33
C7 NAG C . 3.06 25.46 18.00
C8 NAG C . 4.29 24.71 18.45
N2 NAG C . 1.94 25.22 18.68
O3 NAG C . 0.90 27.55 20.03
O4 NAG C . -1.94 27.35 20.55
O5 NAG C . -1.53 25.43 17.45
O6 NAG C . -3.64 27.17 17.27
O7 NAG C . 3.11 26.25 17.09
C1 NAG C . -2.64 28.56 20.59
C2 NAG C . -3.42 28.65 21.93
C3 NAG C . -4.07 30.03 22.05
C4 NAG C . -3.00 31.12 21.92
C5 NAG C . -2.27 30.94 20.57
C6 NAG C . -1.16 31.93 20.36
C7 NAG C . -4.34 26.54 22.72
C8 NAG C . -5.45 25.50 22.70
N2 NAG C . -4.47 27.61 21.94
O3 NAG C . -4.71 30.15 23.34
O4 NAG C . -3.62 32.42 21.98
O5 NAG C . -1.66 29.61 20.51
O6 NAG C . -1.33 32.64 19.11
O7 NAG C . -3.36 26.34 23.48
C1 NAG D . -25.27 13.83 1.26
C2 NAG D . -25.63 13.64 2.75
C3 NAG D . -26.47 14.81 3.28
C4 NAG D . -25.82 16.16 2.93
C5 NAG D . -25.53 16.21 1.41
C6 NAG D . -24.85 17.51 0.96
C7 NAG D . -25.86 11.41 3.63
C8 NAG D . -26.70 10.14 3.75
N2 NAG D . -26.37 12.40 2.90
O3 NAG D . -26.58 14.69 4.72
O4 NAG D . -26.73 17.26 3.28
O5 NAG D . -24.65 15.10 1.04
O6 NAG D . -23.65 17.77 1.69
O7 NAG D . -24.76 11.48 4.20
C1 NAG D . -26.23 18.23 4.16
C2 NAG D . -27.13 19.46 4.11
C3 NAG D . -26.62 20.48 5.12
C4 NAG D . -26.60 19.84 6.52
C5 NAG D . -25.73 18.58 6.48
C6 NAG D . -25.72 17.81 7.81
C7 NAG D . -28.19 20.32 2.13
C8 NAG D . -28.04 20.95 0.74
N2 NAG D . -27.06 20.05 2.78
O3 NAG D . -27.49 21.61 5.14
O4 NAG D . -26.04 20.79 7.46
O5 NAG D . -26.25 17.65 5.49
O6 NAG D . -25.09 18.59 8.86
O7 NAG D . -29.32 20.10 2.62
C ACT E . 2.63 18.64 21.41
O ACT E . 1.81 17.93 20.81
OXT ACT E . 3.80 18.26 21.53
CH3 ACT E . 2.24 19.98 21.96
C ACT F . -9.27 9.32 -7.73
O ACT F . -9.79 9.22 -6.61
OXT ACT F . -8.02 9.42 -7.83
CH3 ACT F . -10.12 9.37 -8.97
#